data_5YIW
#
_entry.id   5YIW
#
_cell.length_a   49.810
_cell.length_b   63.658
_cell.length_c   126.730
_cell.angle_alpha   90.00
_cell.angle_beta   90.00
_cell.angle_gamma   90.00
#
_symmetry.space_group_name_H-M   'C 2 2 21'
#
loop_
_entity.id
_entity.type
_entity.pdbx_description
1 polymer 'Cell cycle regulatory protein GcrA'
2 polymer "DNA (5'-D(*CP*CP*CP*TP*GP*(6MA)P*TP*TP*CP*GP*C)-3')"
3 polymer "DNA (5'-D(P*GP*CP*GP*(6MA)P*AP*TP*CP*AP*GP*G)-3')"
4 non-polymer (R,R)-2,3-BUTANEDIOL
5 water water
#
loop_
_entity_poly.entity_id
_entity_poly.type
_entity_poly.pdbx_seq_one_letter_code
_entity_poly.pdbx_strand_id
1 'polypeptide(L)' GAMDMSWTDERVSTLKKLWLDGLSASQIAKQLGGVTRNAVIGKVHRLGL A,B,C
2 'polydeoxyribonucleotide' (DC)(DC)(DC)(DT)(DG)(6MA)(DT)(DT)(DC)(DG)(DC) D
3 'polydeoxyribonucleotide' (DC)(DG)(DC)(DG)(6MA)(DA)(DT)(DC)(DA)(DG)(DG) E
#
loop_
_chem_comp.id
_chem_comp.type
_chem_comp.name
_chem_comp.formula
6MA DNA linking N6-METHYL-DEOXY-ADENOSINE-5'-MONOPHOSPHATE 'C11 H16 N5 O6 P'
BU3 non-polymer (R,R)-2,3-BUTANEDIOL 'C4 H10 O2'
DA DNA linking 2'-DEOXYADENOSINE-5'-MONOPHOSPHATE 'C10 H14 N5 O6 P'
DC DNA linking 2'-DEOXYCYTIDINE-5'-MONOPHOSPHATE 'C9 H14 N3 O7 P'
DG DNA linking 2'-DEOXYGUANOSINE-5'-MONOPHOSPHATE 'C10 H14 N5 O7 P'
DT DNA linking THYMIDINE-5'-MONOPHOSPHATE 'C10 H15 N2 O8 P'
#
# COMPACT_ATOMS: atom_id res chain seq x y z
N MET A 5 11.90 -10.92 7.31
CA MET A 5 11.09 -10.46 8.44
C MET A 5 11.72 -9.24 9.12
N SER A 6 12.86 -8.80 8.61
CA SER A 6 13.52 -7.59 9.12
C SER A 6 13.66 -6.55 8.01
N TRP A 7 13.95 -5.30 8.38
CA TRP A 7 14.08 -4.24 7.38
C TRP A 7 15.44 -4.30 6.69
N THR A 8 15.58 -5.31 5.85
CA THR A 8 16.72 -5.42 4.95
C THR A 8 16.71 -4.27 3.97
N ASP A 9 17.86 -3.99 3.36
CA ASP A 9 17.94 -2.93 2.37
C ASP A 9 16.98 -3.20 1.22
N GLU A 10 16.82 -4.47 0.86
CA GLU A 10 15.89 -4.83 -0.20
C GLU A 10 14.45 -4.48 0.16
N ARG A 11 14.04 -4.82 1.38
CA ARG A 11 12.67 -4.56 1.82
C ARG A 11 12.41 -3.07 2.04
N VAL A 12 13.42 -2.33 2.47
CA VAL A 12 13.27 -0.89 2.58
C VAL A 12 13.12 -0.26 1.20
N SER A 13 13.88 -0.75 0.22
CA SER A 13 13.76 -0.25 -1.14
CA SER A 13 13.75 -0.25 -1.15
C SER A 13 12.34 -0.43 -1.68
N THR A 14 11.76 -1.60 -1.40
CA THR A 14 10.40 -1.91 -1.84
C THR A 14 9.41 -0.99 -1.15
N LEU A 15 9.55 -0.83 0.17
CA LEU A 15 8.71 0.10 0.91
C LEU A 15 8.71 1.51 0.32
N LYS A 16 9.90 2.06 0.07
CA LYS A 16 10.02 3.40 -0.49
C LYS A 16 9.33 3.52 -1.83
N LYS A 17 9.54 2.54 -2.71
CA LYS A 17 8.93 2.55 -4.03
C LYS A 17 7.42 2.57 -3.93
N LEU A 18 6.87 1.68 -3.11
CA LEU A 18 5.42 1.54 -3.00
C LEU A 18 4.79 2.72 -2.28
N TRP A 19 5.47 3.25 -1.27
CA TRP A 19 4.94 4.41 -0.55
C TRP A 19 4.93 5.64 -1.45
N LEU A 20 6.01 5.83 -2.18
CA LEU A 20 6.11 6.98 -3.08
C LEU A 20 5.15 6.82 -4.27
N ASP A 21 4.62 5.62 -4.44
CA ASP A 21 3.56 5.38 -5.42
C ASP A 21 2.17 5.66 -4.84
N GLY A 22 2.11 5.79 -3.51
CA GLY A 22 0.84 6.09 -2.85
C GLY A 22 0.03 4.91 -2.37
N LEU A 23 0.64 3.73 -2.28
CA LEU A 23 -0.04 2.58 -1.72
C LEU A 23 -0.17 2.73 -0.22
N SER A 24 -1.27 2.25 0.34
CA SER A 24 -1.51 2.40 1.77
C SER A 24 -0.62 1.48 2.58
N ALA A 25 -0.47 1.78 3.86
CA ALA A 25 0.43 1.01 4.72
C ALA A 25 0.01 -0.47 4.82
N SER A 26 -1.29 -0.75 4.87
CA SER A 26 -1.78 -2.12 4.95
CA SER A 26 -1.77 -2.12 4.96
C SER A 26 -1.48 -2.89 3.67
N GLN A 27 -1.62 -2.21 2.54
CA GLN A 27 -1.33 -2.83 1.25
C GLN A 27 0.14 -3.20 1.12
N ILE A 28 1.02 -2.30 1.55
CA ILE A 28 2.46 -2.53 1.53
C ILE A 28 2.81 -3.66 2.49
N ALA A 29 2.18 -3.67 3.67
CA ALA A 29 2.41 -4.73 4.65
C ALA A 29 2.07 -6.10 4.07
N LYS A 30 0.95 -6.17 3.37
CA LYS A 30 0.52 -7.43 2.75
C LYS A 30 1.48 -7.87 1.66
N GLN A 31 1.99 -6.91 0.89
CA GLN A 31 2.95 -7.20 -0.17
C GLN A 31 4.25 -7.75 0.39
N LEU A 32 4.75 -7.09 1.44
CA LEU A 32 6.02 -7.47 2.04
C LEU A 32 5.97 -8.78 2.83
N GLY A 33 4.91 -8.95 3.61
CA GLY A 33 4.83 -10.02 4.59
C GLY A 33 5.73 -9.75 5.79
N GLY A 34 5.44 -10.42 6.91
CA GLY A 34 6.31 -10.34 8.08
C GLY A 34 6.21 -9.04 8.88
N VAL A 35 5.34 -8.14 8.43
CA VAL A 35 5.12 -6.86 9.10
C VAL A 35 3.65 -6.50 9.02
N THR A 36 3.18 -5.80 10.04
CA THR A 36 1.85 -5.20 10.03
C THR A 36 1.86 -3.80 9.43
N ARG A 37 0.68 -3.22 9.22
CA ARG A 37 0.59 -1.84 8.77
C ARG A 37 1.22 -0.89 9.79
N ASN A 38 1.21 -1.27 11.07
CA ASN A 38 1.88 -0.47 12.10
C ASN A 38 3.38 -0.39 11.88
N ALA A 39 3.97 -1.56 11.58
CA ALA A 39 5.39 -1.62 11.29
C ALA A 39 5.73 -0.76 10.08
N VAL A 40 4.89 -0.80 9.06
CA VAL A 40 5.12 -0.01 7.86
C VAL A 40 5.09 1.48 8.18
N ILE A 41 4.06 1.91 8.92
CA ILE A 41 3.94 3.34 9.24
C ILE A 41 5.10 3.82 10.11
N GLY A 42 5.48 3.00 11.09
CA GLY A 42 6.63 3.34 11.92
C GLY A 42 7.89 3.53 11.08
N LYS A 43 8.09 2.63 10.13
CA LYS A 43 9.29 2.69 9.29
C LYS A 43 9.25 3.89 8.36
N VAL A 44 8.06 4.20 7.82
CA VAL A 44 7.90 5.41 6.99
C VAL A 44 8.34 6.66 7.77
N HIS A 45 7.99 6.71 9.04
CA HIS A 45 8.36 7.85 9.86
C HIS A 45 9.86 7.89 10.12
N ARG A 46 10.48 6.74 10.38
CA ARG A 46 11.91 6.74 10.70
C ARG A 46 12.72 7.06 9.46
N LEU A 47 12.16 6.77 8.29
CA LEU A 47 12.80 7.11 7.02
C LEU A 47 12.61 8.58 6.65
N GLY A 48 11.73 9.27 7.37
CA GLY A 48 11.48 10.69 7.15
C GLY A 48 10.65 11.00 5.93
N LEU A 49 9.77 10.07 5.57
CA LEU A 49 8.89 10.26 4.43
C LEU A 49 7.62 10.99 4.86
N MET B 5 6.97 -14.84 5.22
CA MET B 5 6.87 -13.89 4.12
C MET B 5 5.41 -13.61 3.77
N SER B 6 5.19 -13.18 2.53
CA SER B 6 3.88 -12.68 2.11
C SER B 6 2.77 -13.72 2.13
N TRP B 7 3.10 -14.94 1.70
CA TRP B 7 2.08 -15.97 1.58
C TRP B 7 1.94 -16.75 2.88
N THR B 8 1.25 -16.15 3.84
CA THR B 8 0.93 -16.80 5.11
C THR B 8 -0.02 -17.97 4.89
N ASP B 9 -0.15 -18.82 5.90
CA ASP B 9 -1.10 -19.93 5.84
C ASP B 9 -2.50 -19.43 5.55
N GLU B 10 -2.88 -18.35 6.23
CA GLU B 10 -4.21 -17.77 6.07
C GLU B 10 -4.45 -17.33 4.63
N ARG B 11 -3.46 -16.66 4.04
CA ARG B 11 -3.59 -16.15 2.68
C ARG B 11 -3.57 -17.27 1.64
N VAL B 12 -2.79 -18.32 1.91
CA VAL B 12 -2.73 -19.46 1.01
C VAL B 12 -4.06 -20.21 1.03
N SER B 13 -4.64 -20.34 2.23
CA SER B 13 -5.91 -21.04 2.37
C SER B 13 -7.02 -20.28 1.68
N THR B 14 -6.97 -18.96 1.79
CA THR B 14 -7.94 -18.10 1.11
C THR B 14 -7.77 -18.21 -0.40
N LEU B 15 -6.54 -18.15 -0.88
CA LEU B 15 -6.28 -18.30 -2.31
C LEU B 15 -6.84 -19.63 -2.83
N LYS B 16 -6.54 -20.72 -2.14
CA LYS B 16 -7.05 -22.03 -2.52
C LYS B 16 -8.58 -22.07 -2.59
N LYS B 17 -9.22 -21.59 -1.54
CA LYS B 17 -10.69 -21.58 -1.46
C LYS B 17 -11.31 -20.79 -2.62
N LEU B 18 -10.80 -19.58 -2.85
CA LEU B 18 -11.33 -18.72 -3.89
C LEU B 18 -11.03 -19.27 -5.29
N TRP B 19 -9.88 -19.89 -5.45
CA TRP B 19 -9.54 -20.49 -6.73
C TRP B 19 -10.52 -21.61 -7.07
N LEU B 20 -10.83 -22.44 -6.08
CA LEU B 20 -11.76 -23.54 -6.29
C LEU B 20 -13.18 -23.05 -6.46
N ASP B 21 -13.44 -21.83 -6.00
CA ASP B 21 -14.77 -21.21 -6.15
C ASP B 21 -14.93 -20.57 -7.52
N GLY B 22 -13.86 -20.58 -8.30
CA GLY B 22 -13.91 -20.08 -9.66
C GLY B 22 -13.54 -18.62 -9.86
N LEU B 23 -12.99 -17.98 -8.83
CA LEU B 23 -12.54 -16.60 -8.95
C LEU B 23 -11.26 -16.54 -9.77
N SER B 24 -11.13 -15.49 -10.58
CA SER B 24 -9.93 -15.34 -11.41
C SER B 24 -8.77 -14.80 -10.60
N ALA B 25 -7.57 -14.88 -11.18
CA ALA B 25 -6.37 -14.36 -10.52
C ALA B 25 -6.55 -12.90 -10.12
N SER B 26 -7.12 -12.08 -11.01
CA SER B 26 -7.29 -10.68 -10.71
C SER B 26 -8.36 -10.46 -9.63
N GLN B 27 -9.42 -11.25 -9.66
CA GLN B 27 -10.46 -11.16 -8.63
C GLN B 27 -9.87 -11.52 -7.26
N ILE B 28 -9.05 -12.56 -7.25
CA ILE B 28 -8.43 -13.02 -6.01
C ILE B 28 -7.46 -11.97 -5.46
N ALA B 29 -6.68 -11.35 -6.34
CA ALA B 29 -5.72 -10.32 -5.92
C ALA B 29 -6.44 -9.18 -5.21
N LYS B 30 -7.61 -8.81 -5.73
CA LYS B 30 -8.42 -7.75 -5.13
C LYS B 30 -8.91 -8.14 -3.73
N GLN B 31 -9.36 -9.39 -3.60
CA GLN B 31 -9.81 -9.91 -2.31
C GLN B 31 -8.70 -9.96 -1.28
N LEU B 32 -7.50 -10.37 -1.69
CA LEU B 32 -6.39 -10.56 -0.77
C LEU B 32 -5.74 -9.25 -0.37
N GLY B 33 -5.62 -8.35 -1.33
CA GLY B 33 -4.87 -7.12 -1.12
C GLY B 33 -3.37 -7.37 -1.12
N GLY B 34 -2.62 -6.33 -1.46
CA GLY B 34 -1.18 -6.37 -1.36
C GLY B 34 -0.48 -7.08 -2.48
N VAL B 35 -1.22 -7.71 -3.39
CA VAL B 35 -0.59 -8.44 -4.48
C VAL B 35 -1.23 -8.15 -5.83
N THR B 36 -0.47 -8.44 -6.89
CA THR B 36 -0.94 -8.27 -8.26
C THR B 36 -1.51 -9.57 -8.81
N ARG B 37 -2.22 -9.45 -9.93
CA ARG B 37 -2.68 -10.59 -10.71
C ARG B 37 -1.56 -11.56 -11.02
N ASN B 38 -0.40 -11.03 -11.42
CA ASN B 38 0.74 -11.88 -11.77
C ASN B 38 1.21 -12.66 -10.54
N ALA B 39 1.24 -12.00 -9.40
CA ALA B 39 1.65 -12.66 -8.15
C ALA B 39 0.70 -13.80 -7.77
N VAL B 40 -0.59 -13.60 -8.00
CA VAL B 40 -1.58 -14.62 -7.66
C VAL B 40 -1.44 -15.84 -8.55
N ILE B 41 -1.36 -15.65 -9.86
CA ILE B 41 -1.31 -16.81 -10.75
C ILE B 41 0.04 -17.52 -10.62
N GLY B 42 1.08 -16.77 -10.27
CA GLY B 42 2.38 -17.36 -10.00
C GLY B 42 2.26 -18.32 -8.82
N LYS B 43 1.57 -17.88 -7.77
CA LYS B 43 1.43 -18.71 -6.58
C LYS B 43 0.52 -19.91 -6.81
N VAL B 44 -0.57 -19.70 -7.56
CA VAL B 44 -1.42 -20.82 -7.99
C VAL B 44 -0.59 -21.94 -8.63
N HIS B 45 0.31 -21.57 -9.53
CA HIS B 45 1.17 -22.56 -10.18
C HIS B 45 2.10 -23.25 -9.18
N ARG B 46 2.60 -22.50 -8.19
CA ARG B 46 3.51 -23.11 -7.21
C ARG B 46 2.78 -24.00 -6.22
N LEU B 47 1.48 -23.85 -6.12
CA LEU B 47 0.69 -24.71 -5.25
C LEU B 47 0.25 -25.98 -5.97
N GLY B 48 0.46 -26.00 -7.28
CA GLY B 48 0.13 -27.18 -8.08
C GLY B 48 -1.32 -27.25 -8.51
N LEU B 49 -1.84 -26.14 -9.05
CA LEU B 49 -3.20 -26.12 -9.58
C LEU B 49 -3.42 -24.89 -10.45
N MET C 5 4.76 12.63 -7.41
CA MET C 5 5.27 11.26 -7.36
C MET C 5 4.11 10.29 -7.08
N SER C 6 3.55 10.40 -5.88
CA SER C 6 2.29 9.75 -5.57
C SER C 6 1.16 10.75 -5.81
N TRP C 7 1.54 11.94 -6.25
CA TRP C 7 0.59 13.02 -6.44
C TRP C 7 0.01 13.02 -7.85
N THR C 8 -0.82 12.02 -8.13
CA THR C 8 -1.60 11.94 -9.35
C THR C 8 -2.54 13.13 -9.46
N ASP C 9 -2.98 13.44 -10.68
CA ASP C 9 -3.92 14.53 -10.90
C ASP C 9 -5.13 14.39 -9.99
N GLU C 10 -5.58 13.16 -9.81
CA GLU C 10 -6.73 12.86 -8.95
C GLU C 10 -6.43 13.21 -7.49
N ARG C 11 -5.26 12.81 -7.01
CA ARG C 11 -4.90 13.03 -5.62
C ARG C 11 -4.57 14.50 -5.34
N VAL C 12 -3.95 15.16 -6.32
CA VAL C 12 -3.67 16.58 -6.20
C VAL C 12 -4.97 17.38 -6.15
N SER C 13 -5.92 17.01 -7.01
CA SER C 13 -7.20 17.69 -7.01
C SER C 13 -7.95 17.45 -5.70
N THR C 14 -7.85 16.23 -5.18
CA THR C 14 -8.49 15.91 -3.91
C THR C 14 -7.88 16.74 -2.78
N LEU C 15 -6.56 16.85 -2.80
CA LEU C 15 -5.85 17.66 -1.80
C LEU C 15 -6.31 19.10 -1.82
N LYS C 16 -6.40 19.69 -3.02
CA LYS C 16 -6.81 21.08 -3.15
C LYS C 16 -8.23 21.28 -2.63
N LYS C 17 -9.12 20.34 -2.96
CA LYS C 17 -10.51 20.43 -2.53
C LYS C 17 -10.63 20.33 -1.01
N LEU C 18 -9.95 19.35 -0.42
CA LEU C 18 -10.01 19.13 1.01
C LEU C 18 -9.36 20.28 1.78
N TRP C 19 -8.32 20.88 1.20
CA TRP C 19 -7.66 21.98 1.87
C TRP C 19 -8.58 23.20 1.92
N LEU C 20 -9.31 23.43 0.83
CA LEU C 20 -10.27 24.54 0.78
C LEU C 20 -11.45 24.31 1.72
N ASP C 21 -11.79 23.04 1.93
CA ASP C 21 -12.85 22.64 2.85
C ASP C 21 -12.44 22.84 4.31
N GLY C 22 -11.16 23.13 4.53
CA GLY C 22 -10.67 23.40 5.86
C GLY C 22 -10.16 22.17 6.61
N LEU C 23 -9.99 21.06 5.91
CA LEU C 23 -9.45 19.86 6.55
C LEU C 23 -7.97 20.07 6.89
N SER C 24 -7.53 19.47 7.99
CA SER C 24 -6.12 19.49 8.37
C SER C 24 -5.30 18.55 7.50
N ALA C 25 -3.99 18.78 7.47
CA ALA C 25 -3.09 17.88 6.73
C ALA C 25 -3.21 16.46 7.27
N SER C 26 -3.47 16.33 8.57
CA SER C 26 -3.64 15.01 9.16
C SER C 26 -4.87 14.31 8.60
N GLN C 27 -6.00 15.02 8.59
CA GLN C 27 -7.21 14.48 8.00
C GLN C 27 -7.03 14.11 6.54
N ILE C 28 -6.31 14.96 5.81
CA ILE C 28 -6.10 14.75 4.39
C ILE C 28 -5.22 13.52 4.12
N ALA C 29 -4.14 13.38 4.88
CA ALA C 29 -3.29 12.20 4.75
C ALA C 29 -4.05 10.91 5.03
N LYS C 30 -4.92 10.94 6.03
CA LYS C 30 -5.71 9.77 6.38
C LYS C 30 -6.75 9.44 5.32
N GLN C 31 -7.31 10.46 4.69
CA GLN C 31 -8.30 10.23 3.65
C GLN C 31 -7.67 9.69 2.38
N LEU C 32 -6.49 10.22 2.03
CA LEU C 32 -5.79 9.81 0.82
C LEU C 32 -5.17 8.43 0.97
N GLY C 33 -4.47 8.21 2.07
CA GLY C 33 -3.70 6.99 2.25
C GLY C 33 -2.41 7.09 1.47
N GLY C 34 -1.39 6.35 1.92
CA GLY C 34 -0.12 6.30 1.20
C GLY C 34 0.63 7.61 1.14
N VAL C 35 0.44 8.44 2.16
CA VAL C 35 1.16 9.69 2.29
C VAL C 35 1.10 10.10 3.76
N THR C 36 2.12 10.81 4.23
CA THR C 36 2.12 11.32 5.62
C THR C 36 1.59 12.74 5.70
N ARG C 37 1.20 13.13 6.91
CA ARG C 37 0.82 14.51 7.16
C ARG C 37 1.94 15.48 6.80
N ASN C 38 3.17 15.12 7.13
CA ASN C 38 4.28 16.03 6.84
C ASN C 38 4.44 16.23 5.34
N ALA C 39 4.25 15.15 4.57
CA ALA C 39 4.32 15.23 3.11
C ALA C 39 3.16 16.04 2.52
N VAL C 40 1.98 15.91 3.13
CA VAL C 40 0.83 16.71 2.70
C VAL C 40 1.14 18.20 2.89
N ILE C 41 1.66 18.58 4.05
CA ILE C 41 2.00 19.99 4.31
C ILE C 41 3.03 20.48 3.29
N GLY C 42 4.02 19.63 3.01
CA GLY C 42 5.00 19.92 1.97
C GLY C 42 4.33 20.24 0.65
N LYS C 43 3.42 19.37 0.23
CA LYS C 43 2.74 19.56 -1.05
C LYS C 43 1.88 20.83 -1.05
N VAL C 44 1.20 21.10 0.06
CA VAL C 44 0.36 22.30 0.18
C VAL C 44 1.18 23.55 -0.11
N HIS C 45 2.42 23.57 0.34
CA HIS C 45 3.27 24.74 0.13
C HIS C 45 3.95 24.74 -1.23
N ARG C 46 4.15 23.57 -1.83
CA ARG C 46 4.67 23.51 -3.18
C ARG C 46 3.60 23.97 -4.16
N LEU C 47 2.34 23.95 -3.71
CA LEU C 47 1.23 24.41 -4.54
C LEU C 47 0.83 25.85 -4.23
N GLY C 48 1.39 26.41 -3.16
CA GLY C 48 1.12 27.79 -2.79
C GLY C 48 -0.25 28.02 -2.19
N LEU C 49 -0.85 26.96 -1.65
CA LEU C 49 -2.18 27.07 -1.06
C LEU C 49 -2.12 27.70 0.32
P 6MA D 6 0.88 9.91 9.23
OP1 6MA D 6 1.40 11.30 9.05
OP2 6MA D 6 1.92 8.85 9.34
O5' 6MA D 6 -0.04 9.84 10.50
C5' 6MA D 6 -0.78 10.99 11.01
C4' 6MA D 6 -0.51 11.11 12.47
O4' 6MA D 6 -1.01 10.16 13.18
C3' 6MA D 6 1.11 11.16 12.76
O3' 6MA D 6 1.29 12.31 13.69
C2' 6MA D 6 1.43 10.04 13.23
C1' 6MA D 6 0.11 9.37 13.81
N9 6MA D 6 -0.11 8.10 13.47
C8 6MA D 6 0.09 7.41 12.33
N7 6MA D 6 -0.39 6.14 12.51
C5 6MA D 6 -0.88 6.04 13.78
C6 6MA D 6 -1.47 4.99 14.52
N1 6MA D 6 -1.87 5.23 15.78
C2 6MA D 6 -1.70 6.45 16.36
N3 6MA D 6 -1.13 7.46 15.66
C4 6MA D 6 -0.71 7.25 14.37
N6 6MA D 6 -1.71 3.64 13.97
C1 6MA D 6 -1.28 3.19 12.67
P 6MA E 5 3.05 -4.97 15.60
OP1 6MA E 5 3.59 -6.27 15.07
OP2 6MA E 5 2.17 -4.25 14.64
O5' 6MA E 5 2.30 -5.19 16.96
C5' 6MA E 5 3.06 -5.55 18.15
C4' 6MA E 5 2.46 -4.85 19.32
O4' 6MA E 5 2.78 -3.59 19.45
C3' 6MA E 5 0.82 -4.88 19.23
O3' 6MA E 5 0.45 -5.31 20.61
C2' 6MA E 5 0.42 -3.74 18.91
C1' 6MA E 5 1.57 -2.69 19.32
N9 6MA E 5 1.96 -1.80 18.42
C8 6MA E 5 2.12 -1.85 17.09
N7 6MA E 5 2.67 -0.69 16.67
C5 6MA E 5 2.90 0.10 17.76
C6 6MA E 5 3.44 1.39 17.91
N1 6MA E 5 3.52 1.92 19.14
C2 6MA E 5 3.11 1.23 20.23
N3 6MA E 5 2.57 -0.02 20.08
C4 6MA E 5 2.48 -0.58 18.84
N6 6MA E 5 3.93 2.21 16.79
C1 6MA E 5 3.96 1.79 15.41
O6 BU3 F . 7.44 -2.80 24.08
C3 BU3 F . 6.14 -2.27 24.22
C4 BU3 F . 5.45 -2.93 25.38
C2 BU3 F . 5.40 -2.55 22.93
O5 BU3 F . 6.14 -2.03 21.85
C1 BU3 F . 4.04 -1.88 22.97
#